data_1NTY
#
_entry.id   1NTY
#
_cell.length_a   99.540
_cell.length_b   99.540
_cell.length_c   98.294
_cell.angle_alpha   90.00
_cell.angle_beta   90.00
_cell.angle_gamma   120.00
#
_symmetry.space_group_name_H-M   'P 31 2 1'
#
loop_
_entity.id
_entity.type
_entity.pdbx_description
1 polymer 'Triple functional domain protein'
2 water water
#
_entity_poly.entity_id   1
_entity_poly.type   'polypeptide(L)'
_entity_poly.pdbx_seq_one_letter_code
;EEKRKSARRKEFIMAELIQTEKAYVRDLRECMDTYLWEMTSGVEEIPPGIVNKELIIFGNMQEIYEFHNNIFLKELEKYE
QLPEDVGHCFVTWADKFQMYVTYCKNKPDSTQLILEHAGSYFDEIQQRHGLANSISSYLIKPVQRITKYQLLLKELLTCC
EEGKGEIKDGLEVMLSVPKRANDAMHLSMLEGFDENIESQGELILQESFQVWDPKTLIRKGRERHLFLFEMSLVFSKEVK
DSSGRSKYLYKSKLFTSELGVTEHVEGDPCKFALWVGRTPTSDNKIVLKASSIENKQDWIKHIREVIQERT
;
_entity_poly.pdbx_strand_id   A
#
# COMPACT_ATOMS: atom_id res chain seq x y z
N ALA A 7 1.45 -4.36 -33.29
CA ALA A 7 0.34 -5.19 -32.74
C ALA A 7 0.84 -6.61 -32.38
N ARG A 8 2.00 -6.97 -32.90
CA ARG A 8 2.60 -8.29 -32.64
C ARG A 8 3.15 -8.37 -31.23
N ARG A 9 3.76 -7.29 -30.78
CA ARG A 9 4.31 -7.25 -29.44
C ARG A 9 3.13 -7.23 -28.46
N LYS A 10 2.08 -6.48 -28.80
CA LYS A 10 0.90 -6.41 -27.95
C LYS A 10 0.28 -7.80 -27.75
N GLU A 11 0.29 -8.61 -28.81
CA GLU A 11 -0.27 -9.95 -28.73
C GLU A 11 0.54 -10.86 -27.82
N PHE A 12 1.86 -10.77 -27.87
CA PHE A 12 2.72 -11.57 -27.01
C PHE A 12 2.42 -11.22 -25.56
N ILE A 13 2.27 -9.93 -25.29
CA ILE A 13 2.01 -9.47 -23.93
C ILE A 13 0.67 -9.97 -23.39
N MET A 14 -0.38 -9.81 -24.18
CA MET A 14 -1.72 -10.25 -23.75
C MET A 14 -1.74 -11.75 -23.54
N ALA A 15 -1.08 -12.49 -24.45
CA ALA A 15 -1.05 -13.95 -24.30
C ALA A 15 -0.33 -14.34 -23.01
N GLU A 16 0.75 -13.62 -22.68
CA GLU A 16 1.49 -13.93 -21.46
C GLU A 16 0.65 -13.56 -20.24
N LEU A 17 -0.07 -12.44 -20.31
CA LEU A 17 -0.91 -12.03 -19.18
C LEU A 17 -1.91 -13.14 -18.85
N ILE A 18 -2.60 -13.64 -19.87
CA ILE A 18 -3.58 -14.69 -19.68
C ILE A 18 -2.96 -16.03 -19.27
N GLN A 19 -1.89 -16.43 -19.94
CA GLN A 19 -1.26 -17.70 -19.58
C GLN A 19 -0.73 -17.69 -18.13
N THR A 20 -0.09 -16.59 -17.72
CA THR A 20 0.41 -16.53 -16.35
C THR A 20 -0.71 -16.39 -15.32
N GLU A 21 -1.86 -15.87 -15.75
CA GLU A 21 -3.02 -15.74 -14.84
C GLU A 21 -3.49 -17.16 -14.54
N LYS A 22 -3.59 -17.98 -15.59
CA LYS A 22 -3.99 -19.36 -15.36
C LYS A 22 -3.03 -20.09 -14.42
N ALA A 23 -1.73 -19.86 -14.59
CA ALA A 23 -0.73 -20.52 -13.76
C ALA A 23 -0.85 -20.06 -12.32
N TYR A 24 -1.14 -18.76 -12.16
CA TYR A 24 -1.28 -18.15 -10.84
C TYR A 24 -2.45 -18.75 -10.08
N VAL A 25 -3.61 -18.84 -10.73
CA VAL A 25 -4.79 -19.41 -10.10
C VAL A 25 -4.49 -20.86 -9.68
N ARG A 26 -3.83 -21.61 -10.57
CA ARG A 26 -3.49 -23.00 -10.27
C ARG A 26 -2.56 -23.08 -9.05
N ASP A 27 -1.54 -22.21 -8.98
CA ASP A 27 -0.60 -22.20 -7.86
C ASP A 27 -1.28 -21.87 -6.53
N LEU A 28 -2.17 -20.87 -6.50
CA LEU A 28 -2.84 -20.55 -5.25
C LEU A 28 -3.68 -21.74 -4.78
N ARG A 29 -4.36 -22.38 -5.73
CA ARG A 29 -5.20 -23.54 -5.46
C ARG A 29 -4.36 -24.65 -4.84
N GLU A 30 -3.22 -24.94 -5.45
CA GLU A 30 -2.36 -25.99 -4.94
C GLU A 30 -1.81 -25.67 -3.56
N CYS A 31 -1.45 -24.41 -3.33
CA CYS A 31 -0.95 -24.03 -2.01
C CYS A 31 -2.01 -24.29 -0.95
N MET A 32 -3.25 -23.91 -1.24
CA MET A 32 -4.31 -24.12 -0.26
C MET A 32 -4.67 -25.58 -0.08
N ASP A 33 -4.56 -26.36 -1.15
CA ASP A 33 -4.88 -27.78 -1.10
C ASP A 33 -3.79 -28.60 -0.42
N THR A 34 -2.63 -28.01 -0.20
CA THR A 34 -1.55 -28.75 0.43
C THR A 34 -1.14 -28.17 1.78
N TYR A 35 -0.38 -27.08 1.77
CA TYR A 35 0.07 -26.49 3.02
C TYR A 35 -1.06 -26.00 3.93
N LEU A 36 -2.04 -25.30 3.37
CA LEU A 36 -3.14 -24.81 4.20
C LEU A 36 -3.99 -25.96 4.69
N TRP A 37 -4.32 -26.88 3.80
CA TRP A 37 -5.14 -28.02 4.18
C TRP A 37 -4.48 -28.80 5.33
N GLU A 38 -3.17 -29.03 5.22
CA GLU A 38 -2.46 -29.76 6.27
C GLU A 38 -2.62 -29.10 7.63
N MET A 39 -2.58 -27.78 7.67
CA MET A 39 -2.72 -27.05 8.92
C MET A 39 -4.13 -27.09 9.49
N THR A 40 -5.14 -27.10 8.63
CA THR A 40 -6.52 -27.12 9.09
C THR A 40 -7.16 -28.49 9.18
N SER A 41 -6.65 -29.46 8.42
CA SER A 41 -7.22 -30.80 8.41
C SER A 41 -6.18 -31.91 8.42
N GLY A 42 -4.93 -31.55 8.64
CA GLY A 42 -3.87 -32.54 8.65
C GLY A 42 -3.68 -33.18 10.01
N VAL A 43 -3.02 -34.34 10.03
CA VAL A 43 -2.78 -35.04 11.28
C VAL A 43 -1.32 -34.97 11.72
N GLU A 44 -0.62 -33.91 11.30
CA GLU A 44 0.79 -33.73 11.66
C GLU A 44 0.94 -32.81 12.88
N GLU A 45 2.05 -32.94 13.58
CA GLU A 45 2.31 -32.09 14.75
C GLU A 45 2.56 -30.67 14.30
N ILE A 46 1.73 -29.74 14.75
CA ILE A 46 1.90 -28.35 14.39
C ILE A 46 2.67 -27.64 15.48
N PRO A 47 3.89 -27.16 15.17
CA PRO A 47 4.66 -26.47 16.20
C PRO A 47 3.75 -25.47 16.93
N PRO A 48 3.62 -25.62 18.26
CA PRO A 48 2.78 -24.74 19.07
C PRO A 48 2.86 -23.26 18.69
N GLY A 49 4.02 -22.83 18.19
CA GLY A 49 4.18 -21.44 17.80
C GLY A 49 3.33 -21.02 16.61
N ILE A 50 2.77 -21.98 15.88
CA ILE A 50 1.95 -21.66 14.72
C ILE A 50 0.60 -22.36 14.72
N VAL A 51 0.32 -23.14 15.76
CA VAL A 51 -0.95 -23.86 15.83
C VAL A 51 -2.12 -22.91 15.55
N ASN A 52 -3.08 -23.40 14.76
CA ASN A 52 -4.25 -22.65 14.34
C ASN A 52 -4.04 -21.16 14.03
N LYS A 53 -2.85 -20.82 13.52
CA LYS A 53 -2.53 -19.45 13.14
C LYS A 53 -2.38 -19.35 11.62
N GLU A 54 -3.11 -20.19 10.91
CA GLU A 54 -3.07 -20.23 9.44
C GLU A 54 -3.46 -18.90 8.82
N LEU A 55 -4.40 -18.19 9.46
CA LEU A 55 -4.83 -16.91 8.92
C LEU A 55 -3.67 -15.93 8.84
N ILE A 56 -2.71 -16.06 9.77
CA ILE A 56 -1.55 -15.18 9.75
C ILE A 56 -0.52 -15.66 8.72
N ILE A 57 -0.34 -16.98 8.64
CA ILE A 57 0.62 -17.53 7.69
C ILE A 57 0.19 -17.28 6.24
N PHE A 58 -1.06 -17.59 5.94
CA PHE A 58 -1.59 -17.46 4.58
C PHE A 58 -2.30 -16.15 4.27
N GLY A 59 -2.43 -15.27 5.26
CA GLY A 59 -3.13 -14.02 5.03
C GLY A 59 -4.49 -14.29 4.42
N ASN A 60 -4.91 -13.44 3.48
CA ASN A 60 -6.19 -13.62 2.83
C ASN A 60 -6.02 -14.27 1.44
N MET A 61 -5.13 -15.24 1.34
CA MET A 61 -4.93 -15.93 0.06
C MET A 61 -6.23 -16.50 -0.52
N GLN A 62 -7.09 -17.03 0.34
N GLN A 62 -7.09 -17.03 0.35
CA GLN A 62 -8.34 -17.61 -0.14
CA GLN A 62 -8.36 -17.60 -0.12
C GLN A 62 -9.21 -16.55 -0.83
C GLN A 62 -9.19 -16.54 -0.84
N GLU A 63 -9.26 -15.36 -0.25
CA GLU A 63 -10.04 -14.26 -0.82
C GLU A 63 -9.48 -13.87 -2.19
N ILE A 64 -8.16 -13.85 -2.30
CA ILE A 64 -7.47 -13.51 -3.55
C ILE A 64 -7.74 -14.60 -4.61
N TYR A 65 -7.63 -15.86 -4.20
CA TYR A 65 -7.91 -16.94 -5.12
C TYR A 65 -9.33 -16.82 -5.69
N GLU A 66 -10.31 -16.61 -4.81
CA GLU A 66 -11.69 -16.49 -5.27
C GLU A 66 -11.87 -15.33 -6.26
N PHE A 67 -11.19 -14.22 -6.02
CA PHE A 67 -11.29 -13.08 -6.94
C PHE A 67 -10.78 -13.46 -8.33
N HIS A 68 -9.59 -14.04 -8.40
CA HIS A 68 -9.07 -14.40 -9.72
C HIS A 68 -9.83 -15.55 -10.37
N ASN A 69 -10.19 -16.56 -9.58
CA ASN A 69 -10.88 -17.72 -10.14
C ASN A 69 -12.34 -17.46 -10.54
N ASN A 70 -13.01 -16.57 -9.81
CA ASN A 70 -14.41 -16.27 -10.08
C ASN A 70 -14.57 -15.06 -11.00
N ILE A 71 -13.65 -14.12 -10.92
CA ILE A 71 -13.79 -12.91 -11.70
C ILE A 71 -12.69 -12.47 -12.65
N PHE A 72 -11.49 -12.26 -12.12
CA PHE A 72 -10.44 -11.68 -12.94
C PHE A 72 -9.93 -12.41 -14.16
N LEU A 73 -9.72 -13.72 -14.06
CA LEU A 73 -9.26 -14.43 -15.26
C LEU A 73 -10.30 -14.27 -16.37
N LYS A 74 -11.59 -14.40 -16.03
CA LYS A 74 -12.65 -14.26 -17.01
C LYS A 74 -12.69 -12.85 -17.60
N GLU A 75 -12.43 -11.84 -16.77
CA GLU A 75 -12.40 -10.47 -17.25
C GLU A 75 -11.24 -10.28 -18.23
N LEU A 76 -10.06 -10.80 -17.88
CA LEU A 76 -8.90 -10.68 -18.75
C LEU A 76 -9.15 -11.39 -20.07
N GLU A 77 -9.83 -12.53 -20.02
CA GLU A 77 -10.09 -13.27 -21.24
C GLU A 77 -10.99 -12.51 -22.22
N LYS A 78 -11.78 -11.57 -21.70
CA LYS A 78 -12.65 -10.76 -22.57
C LYS A 78 -11.76 -9.89 -23.47
N TYR A 79 -10.52 -9.64 -23.04
CA TYR A 79 -9.59 -8.82 -23.82
C TYR A 79 -8.52 -9.63 -24.53
N GLU A 80 -8.71 -10.95 -24.63
CA GLU A 80 -7.72 -11.81 -25.28
C GLU A 80 -7.34 -11.32 -26.67
N GLN A 81 -8.28 -10.68 -27.36
CA GLN A 81 -8.01 -10.18 -28.71
C GLN A 81 -8.14 -8.65 -28.76
N LEU A 82 -8.03 -8.00 -27.60
CA LEU A 82 -8.14 -6.54 -27.51
C LEU A 82 -7.14 -6.04 -26.46
N PRO A 83 -5.85 -6.32 -26.67
CA PRO A 83 -4.77 -5.94 -25.76
C PRO A 83 -4.65 -4.47 -25.39
N GLU A 84 -4.86 -3.57 -26.36
CA GLU A 84 -4.71 -2.15 -26.06
C GLU A 84 -5.78 -1.63 -25.10
N ASP A 85 -6.85 -2.39 -24.91
CA ASP A 85 -7.92 -1.95 -24.02
C ASP A 85 -7.94 -2.63 -22.65
N VAL A 86 -6.98 -3.51 -22.38
CA VAL A 86 -6.96 -4.25 -21.13
C VAL A 86 -6.76 -3.38 -19.88
N GLY A 87 -6.27 -2.16 -20.07
CA GLY A 87 -6.08 -1.29 -18.91
C GLY A 87 -7.40 -1.10 -18.19
N HIS A 88 -8.48 -1.12 -18.95
CA HIS A 88 -9.82 -0.96 -18.39
C HIS A 88 -10.14 -1.99 -17.32
N CYS A 89 -9.64 -3.22 -17.49
N CYS A 89 -9.62 -3.20 -17.50
CA CYS A 89 -9.88 -4.28 -16.50
CA CYS A 89 -9.85 -4.29 -16.57
C CYS A 89 -9.35 -3.90 -15.13
C CYS A 89 -9.31 -3.99 -15.18
N PHE A 90 -8.14 -3.37 -15.13
CA PHE A 90 -7.51 -3.00 -13.87
C PHE A 90 -8.21 -1.81 -13.19
N VAL A 91 -8.66 -0.85 -13.99
CA VAL A 91 -9.34 0.30 -13.43
C VAL A 91 -10.70 -0.15 -12.89
N THR A 92 -11.41 -0.93 -13.68
CA THR A 92 -12.72 -1.42 -13.32
C THR A 92 -12.74 -2.24 -12.03
N TRP A 93 -11.72 -3.08 -11.84
CA TRP A 93 -11.67 -3.93 -10.66
C TRP A 93 -10.70 -3.44 -9.58
N ALA A 94 -10.35 -2.15 -9.64
CA ALA A 94 -9.41 -1.58 -8.68
C ALA A 94 -9.79 -1.81 -7.22
N ASP A 95 -11.07 -1.71 -6.89
CA ASP A 95 -11.48 -1.88 -5.50
C ASP A 95 -11.18 -3.29 -5.00
N LYS A 96 -11.29 -4.27 -5.89
CA LYS A 96 -10.97 -5.65 -5.48
C LYS A 96 -9.49 -5.77 -5.12
N PHE A 97 -8.65 -5.03 -5.83
CA PHE A 97 -7.20 -5.09 -5.57
C PHE A 97 -6.79 -4.57 -4.20
N GLN A 98 -7.74 -3.98 -3.48
CA GLN A 98 -7.44 -3.53 -2.13
C GLN A 98 -7.09 -4.78 -1.30
N MET A 99 -7.60 -5.95 -1.69
N MET A 99 -7.58 -5.94 -1.71
CA MET A 99 -7.28 -7.15 -0.91
CA MET A 99 -7.29 -7.17 -0.98
C MET A 99 -5.78 -7.44 -0.95
C MET A 99 -5.79 -7.44 -0.96
N TYR A 100 -5.07 -6.95 -1.96
CA TYR A 100 -3.64 -7.17 -2.01
C TYR A 100 -2.93 -6.27 -1.01
N VAL A 101 -3.53 -5.13 -0.70
CA VAL A 101 -2.91 -4.27 0.30
C VAL A 101 -2.93 -5.05 1.62
N THR A 102 -4.05 -5.70 1.88
CA THR A 102 -4.22 -6.49 3.10
C THR A 102 -3.18 -7.61 3.14
N TYR A 103 -3.05 -8.32 2.03
CA TYR A 103 -2.09 -9.40 1.95
C TYR A 103 -0.66 -8.95 2.18
N CYS A 104 -0.25 -7.89 1.50
CA CYS A 104 1.10 -7.38 1.61
C CYS A 104 1.40 -6.82 3.01
N LYS A 105 0.37 -6.29 3.67
CA LYS A 105 0.51 -5.73 5.01
C LYS A 105 0.83 -6.85 5.99
N ASN A 106 0.16 -7.98 5.77
CA ASN A 106 0.32 -9.14 6.62
C ASN A 106 1.59 -9.96 6.34
N LYS A 107 2.15 -9.80 5.14
CA LYS A 107 3.32 -10.58 4.75
C LYS A 107 4.49 -10.59 5.74
N PRO A 108 4.81 -9.44 6.36
CA PRO A 108 5.93 -9.44 7.32
C PRO A 108 5.66 -10.34 8.52
N ASP A 109 4.41 -10.34 8.99
CA ASP A 109 4.03 -11.16 10.13
C ASP A 109 4.12 -12.65 9.77
N SER A 110 3.61 -13.01 8.60
CA SER A 110 3.64 -14.40 8.14
C SER A 110 5.08 -14.90 8.10
N THR A 111 5.95 -14.13 7.46
CA THR A 111 7.35 -14.49 7.32
C THR A 111 8.00 -14.73 8.68
N GLN A 112 7.65 -13.90 9.66
CA GLN A 112 8.22 -14.03 10.99
C GLN A 112 7.65 -15.17 11.79
N LEU A 113 6.36 -15.44 11.63
CA LEU A 113 5.73 -16.52 12.35
C LEU A 113 6.34 -17.84 11.87
N ILE A 114 6.72 -17.89 10.59
CA ILE A 114 7.34 -19.09 10.02
C ILE A 114 8.79 -19.23 10.47
N LEU A 115 9.53 -18.13 10.36
CA LEU A 115 10.94 -18.13 10.73
C LEU A 115 11.24 -18.44 12.19
N GLU A 116 10.32 -18.14 13.09
CA GLU A 116 10.58 -18.38 14.51
C GLU A 116 9.75 -19.48 15.18
N HIS A 117 8.65 -19.88 14.58
CA HIS A 117 7.81 -20.90 15.19
C HIS A 117 7.43 -22.09 14.33
N ALA A 118 7.70 -22.01 13.03
CA ALA A 118 7.33 -23.11 12.13
C ALA A 118 8.34 -24.25 12.10
N GLY A 119 9.62 -23.93 12.29
CA GLY A 119 10.64 -24.96 12.26
C GLY A 119 10.70 -25.61 10.88
N SER A 120 10.69 -26.94 10.83
CA SER A 120 10.75 -27.63 9.54
C SER A 120 9.38 -28.21 9.17
N TYR A 121 8.33 -27.74 9.85
CA TYR A 121 6.97 -28.22 9.60
C TYR A 121 6.56 -28.21 8.12
N PHE A 122 6.70 -27.06 7.48
CA PHE A 122 6.33 -26.93 6.07
C PHE A 122 7.34 -27.62 5.14
N ASP A 123 8.61 -27.62 5.50
CA ASP A 123 9.61 -28.27 4.67
C ASP A 123 9.34 -29.77 4.64
N GLU A 124 8.89 -30.33 5.75
CA GLU A 124 8.60 -31.76 5.79
C GLU A 124 7.34 -32.10 5.01
N ILE A 125 6.37 -31.19 5.03
CA ILE A 125 5.15 -31.39 4.27
C ILE A 125 5.55 -31.45 2.82
N GLN A 126 6.42 -30.52 2.41
CA GLN A 126 6.89 -30.46 1.03
C GLN A 126 7.55 -31.77 0.59
N GLN A 127 8.46 -32.27 1.41
CA GLN A 127 9.15 -33.52 1.07
C GLN A 127 8.22 -34.72 1.03
N ARG A 128 7.35 -34.84 2.02
CA ARG A 128 6.44 -35.98 2.06
C ARG A 128 5.44 -35.99 0.90
N HIS A 129 5.00 -34.81 0.49
CA HIS A 129 4.05 -34.72 -0.61
C HIS A 129 4.67 -34.50 -1.97
N GLY A 130 6.00 -34.53 -2.02
CA GLY A 130 6.71 -34.34 -3.27
C GLY A 130 6.37 -33.05 -3.98
N LEU A 131 6.24 -31.96 -3.23
CA LEU A 131 5.91 -30.67 -3.82
C LEU A 131 7.11 -29.91 -4.38
N ALA A 132 6.92 -29.31 -5.54
CA ALA A 132 7.98 -28.53 -6.17
C ALA A 132 8.19 -27.18 -5.47
N ASN A 133 7.09 -26.55 -5.06
CA ASN A 133 7.14 -25.25 -4.39
C ASN A 133 7.16 -25.33 -2.88
N SER A 134 8.08 -24.58 -2.26
CA SER A 134 8.16 -24.50 -0.81
C SER A 134 6.99 -23.58 -0.40
N ILE A 135 6.68 -23.52 0.88
N ILE A 135 6.72 -23.53 0.89
CA ILE A 135 5.58 -22.64 1.26
CA ILE A 135 5.66 -22.66 1.40
C ILE A 135 5.98 -21.18 0.98
C ILE A 135 5.97 -21.20 1.08
N SER A 136 7.24 -20.82 1.22
CA SER A 136 7.66 -19.46 0.96
C SER A 136 7.52 -19.10 -0.51
N SER A 137 7.75 -20.06 -1.39
CA SER A 137 7.64 -19.81 -2.82
C SER A 137 6.17 -19.50 -3.16
N TYR A 138 5.24 -20.17 -2.51
CA TYR A 138 3.84 -19.90 -2.79
C TYR A 138 3.38 -18.59 -2.17
N LEU A 139 3.80 -18.34 -0.92
CA LEU A 139 3.32 -17.15 -0.21
C LEU A 139 3.72 -15.84 -0.84
N ILE A 140 4.82 -15.84 -1.60
CA ILE A 140 5.26 -14.61 -2.24
C ILE A 140 4.58 -14.40 -3.61
N LYS A 141 3.87 -15.40 -4.11
CA LYS A 141 3.25 -15.24 -5.43
C LYS A 141 2.29 -14.08 -5.60
N PRO A 142 1.44 -13.80 -4.59
CA PRO A 142 0.53 -12.65 -4.81
C PRO A 142 1.32 -11.34 -4.94
N VAL A 143 2.41 -11.20 -4.18
CA VAL A 143 3.24 -10.00 -4.26
C VAL A 143 3.88 -9.94 -5.65
N GLN A 144 4.39 -11.07 -6.10
CA GLN A 144 4.99 -11.16 -7.42
C GLN A 144 3.97 -10.93 -8.54
N ARG A 145 2.71 -11.27 -8.29
CA ARG A 145 1.69 -11.10 -9.31
C ARG A 145 1.44 -9.62 -9.59
N ILE A 146 1.40 -8.81 -8.53
CA ILE A 146 1.17 -7.38 -8.72
C ILE A 146 2.35 -6.82 -9.53
N THR A 147 3.56 -7.27 -9.21
CA THR A 147 4.72 -6.80 -9.96
C THR A 147 4.63 -7.20 -11.42
N LYS A 148 4.16 -8.43 -11.66
CA LYS A 148 4.05 -8.89 -13.04
C LYS A 148 3.03 -8.04 -13.79
N TYR A 149 1.91 -7.70 -13.14
CA TYR A 149 0.92 -6.87 -13.81
C TYR A 149 1.56 -5.51 -14.14
N GLN A 150 2.33 -4.95 -13.20
CA GLN A 150 2.99 -3.67 -13.47
C GLN A 150 3.92 -3.79 -14.68
N LEU A 151 4.72 -4.86 -14.70
CA LEU A 151 5.65 -5.07 -15.79
C LEU A 151 4.96 -5.23 -17.15
N LEU A 152 3.87 -6.00 -17.19
CA LEU A 152 3.16 -6.19 -18.45
C LEU A 152 2.49 -4.90 -18.93
N LEU A 153 1.91 -4.15 -18.01
CA LEU A 153 1.27 -2.90 -18.38
C LEU A 153 2.31 -1.89 -18.86
N LYS A 154 3.48 -1.88 -18.24
CA LYS A 154 4.54 -0.96 -18.67
C LYS A 154 4.96 -1.35 -20.09
N GLU A 155 5.03 -2.65 -20.36
CA GLU A 155 5.40 -3.13 -21.69
C GLU A 155 4.36 -2.68 -22.72
N LEU A 156 3.08 -2.75 -22.35
CA LEU A 156 2.02 -2.33 -23.26
C LEU A 156 2.14 -0.83 -23.52
N LEU A 157 2.58 -0.08 -22.52
CA LEU A 157 2.74 1.36 -22.70
C LEU A 157 3.78 1.68 -23.77
N THR A 158 4.80 0.84 -23.91
CA THR A 158 5.84 1.08 -24.90
C THR A 158 5.35 0.84 -26.32
N CYS A 159 4.21 0.17 -26.47
CA CYS A 159 3.69 -0.09 -27.81
C CYS A 159 2.22 0.27 -28.02
N CYS A 160 1.71 1.20 -27.22
CA CYS A 160 0.32 1.64 -27.35
C CYS A 160 0.24 3.16 -27.48
N GLU A 161 -0.89 3.62 -28.03
CA GLU A 161 -1.13 5.05 -28.22
C GLU A 161 -1.24 5.74 -26.87
N GLU A 162 -0.52 6.86 -26.71
CA GLU A 162 -0.54 7.60 -25.46
C GLU A 162 -1.97 7.96 -25.02
N GLY A 163 -2.28 7.66 -23.76
CA GLY A 163 -3.59 7.97 -23.21
C GLY A 163 -4.77 7.08 -23.59
N LYS A 164 -4.53 6.02 -24.35
CA LYS A 164 -5.61 5.14 -24.76
C LYS A 164 -5.74 3.85 -23.94
N GLY A 165 -6.94 3.28 -23.97
CA GLY A 165 -7.22 2.03 -23.29
C GLY A 165 -6.97 1.97 -21.79
N GLU A 166 -6.83 3.12 -21.15
CA GLU A 166 -6.60 3.17 -19.71
C GLU A 166 -5.38 2.35 -19.26
N ILE A 167 -4.40 2.20 -20.15
CA ILE A 167 -3.21 1.45 -19.80
C ILE A 167 -2.43 2.15 -18.69
N LYS A 168 -2.18 3.44 -18.85
CA LYS A 168 -1.45 4.15 -17.82
C LYS A 168 -2.26 4.20 -16.51
N ASP A 169 -3.58 4.40 -16.61
CA ASP A 169 -4.42 4.44 -15.42
C ASP A 169 -4.39 3.07 -14.71
N GLY A 170 -4.44 2.00 -15.50
CA GLY A 170 -4.38 0.67 -14.91
C GLY A 170 -3.03 0.42 -14.24
N LEU A 171 -1.96 0.88 -14.89
CA LEU A 171 -0.63 0.71 -14.31
C LEU A 171 -0.58 1.43 -12.96
N GLU A 172 -1.19 2.63 -12.91
CA GLU A 172 -1.19 3.37 -11.65
C GLU A 172 -1.92 2.64 -10.53
N VAL A 173 -2.99 1.93 -10.86
CA VAL A 173 -3.71 1.16 -9.86
C VAL A 173 -2.75 0.09 -9.30
N MET A 174 -2.02 -0.57 -10.20
CA MET A 174 -1.10 -1.62 -9.78
C MET A 174 0.08 -1.06 -8.97
N LEU A 175 0.55 0.13 -9.32
CA LEU A 175 1.66 0.73 -8.58
C LEU A 175 1.20 1.20 -7.20
N SER A 176 -0.05 1.63 -7.09
N SER A 176 -0.07 1.62 -7.10
CA SER A 176 -0.55 2.10 -5.81
CA SER A 176 -0.63 2.10 -5.84
C SER A 176 -0.65 0.99 -4.77
C SER A 176 -0.79 1.01 -4.77
N VAL A 177 -0.87 -0.25 -5.20
CA VAL A 177 -1.02 -1.35 -4.23
C VAL A 177 0.16 -1.49 -3.26
N PRO A 178 1.40 -1.66 -3.77
CA PRO A 178 2.54 -1.78 -2.84
C PRO A 178 2.74 -0.49 -2.05
N LYS A 179 2.41 0.63 -2.68
CA LYS A 179 2.57 1.92 -2.04
C LYS A 179 1.64 2.04 -0.83
N ARG A 180 0.38 1.64 -0.98
CA ARG A 180 -0.56 1.70 0.13
C ARG A 180 -0.18 0.70 1.22
N ALA A 181 0.37 -0.45 0.83
CA ALA A 181 0.80 -1.42 1.82
C ALA A 181 1.93 -0.79 2.66
N ASN A 182 2.85 -0.10 2.00
CA ASN A 182 3.96 0.53 2.71
C ASN A 182 3.42 1.64 3.63
N ASP A 183 2.48 2.44 3.13
CA ASP A 183 1.88 3.52 3.92
C ASP A 183 1.26 2.92 5.19
N ALA A 184 0.56 1.79 5.06
CA ALA A 184 -0.08 1.15 6.20
C ALA A 184 0.95 0.65 7.22
N MET A 185 2.11 0.22 6.74
CA MET A 185 3.17 -0.25 7.64
C MET A 185 3.62 0.92 8.51
N HIS A 186 3.80 2.09 7.90
CA HIS A 186 4.20 3.26 8.68
C HIS A 186 3.08 3.68 9.63
N LEU A 187 1.84 3.58 9.18
CA LEU A 187 0.74 3.97 10.05
C LEU A 187 0.69 3.07 11.28
N SER A 188 1.07 1.81 11.12
N SER A 188 1.05 1.81 11.12
CA SER A 188 1.06 0.86 12.23
CA SER A 188 1.04 0.89 12.25
C SER A 188 2.12 1.20 13.28
C SER A 188 2.05 1.30 13.32
N MET A 189 3.00 2.14 12.95
CA MET A 189 4.05 2.59 13.86
C MET A 189 3.60 3.79 14.68
N LEU A 190 2.43 4.33 14.35
CA LEU A 190 1.91 5.50 15.08
C LEU A 190 1.41 5.10 16.46
N GLU A 191 1.92 5.77 17.48
CA GLU A 191 1.55 5.48 18.85
C GLU A 191 0.89 6.69 19.50
N GLY A 192 -0.11 6.45 20.34
CA GLY A 192 -0.77 7.54 21.05
C GLY A 192 -1.92 8.24 20.36
N PHE A 193 -2.36 7.74 19.22
CA PHE A 193 -3.48 8.37 18.54
C PHE A 193 -4.73 7.66 19.03
N ASP A 194 -5.35 8.22 20.07
CA ASP A 194 -6.54 7.64 20.66
C ASP A 194 -7.78 8.13 19.92
N GLU A 195 -7.98 7.57 18.73
CA GLU A 195 -9.12 7.92 17.91
C GLU A 195 -9.28 6.79 16.89
N ASN A 196 -10.50 6.54 16.47
CA ASN A 196 -10.75 5.48 15.51
C ASN A 196 -10.10 5.83 14.16
N ILE A 197 -9.23 4.95 13.69
CA ILE A 197 -8.53 5.15 12.42
C ILE A 197 -9.49 5.14 11.23
N GLU A 198 -10.46 4.24 11.29
CA GLU A 198 -11.44 4.11 10.23
C GLU A 198 -12.19 5.44 10.03
N SER A 199 -12.39 6.14 11.15
CA SER A 199 -13.10 7.42 11.13
C SER A 199 -12.37 8.56 10.43
N GLN A 200 -11.09 8.37 10.14
CA GLN A 200 -10.32 9.41 9.47
C GLN A 200 -10.49 9.31 7.97
N GLY A 201 -11.09 8.22 7.50
CA GLY A 201 -11.21 8.05 6.07
C GLY A 201 -9.92 7.36 5.62
N GLU A 202 -9.79 7.11 4.32
CA GLU A 202 -8.61 6.41 3.80
C GLU A 202 -7.31 7.22 3.93
N LEU A 203 -6.22 6.51 4.20
CA LEU A 203 -4.90 7.13 4.30
C LEU A 203 -4.45 7.39 2.84
N ILE A 204 -4.12 8.64 2.55
CA ILE A 204 -3.71 9.02 1.20
C ILE A 204 -2.19 9.11 1.03
N LEU A 205 -1.53 9.83 1.94
CA LEU A 205 -0.08 9.98 1.88
C LEU A 205 0.53 9.98 3.28
N GLN A 206 1.80 9.62 3.35
CA GLN A 206 2.53 9.70 4.63
C GLN A 206 3.95 10.01 4.25
N GLU A 207 4.55 10.95 4.99
CA GLU A 207 5.87 11.43 4.63
C GLU A 207 6.45 12.30 5.75
N SER A 208 7.77 12.41 5.79
N SER A 208 7.77 12.41 5.79
CA SER A 208 8.46 13.22 6.79
CA SER A 208 8.43 13.25 6.79
C SER A 208 8.72 14.63 6.24
C SER A 208 8.71 14.64 6.24
N PHE A 209 8.60 15.65 7.11
CA PHE A 209 8.85 17.02 6.72
C PHE A 209 9.51 17.75 7.89
N GLN A 210 10.15 18.88 7.60
N GLN A 210 10.16 18.88 7.61
CA GLN A 210 10.72 19.71 8.65
CA GLN A 210 10.73 19.68 8.68
C GLN A 210 9.55 20.67 8.84
C GLN A 210 9.59 20.69 8.84
N VAL A 211 9.14 20.87 10.08
CA VAL A 211 8.02 21.74 10.37
C VAL A 211 8.29 22.84 11.39
N TRP A 212 7.86 24.06 11.08
CA TRP A 212 7.97 25.23 11.97
C TRP A 212 6.56 25.44 12.57
N ASP A 213 6.46 25.32 13.88
N ASP A 213 6.49 25.34 13.89
CA ASP A 213 5.19 25.42 14.63
CA ASP A 213 5.26 25.47 14.68
C ASP A 213 5.11 26.68 15.48
C ASP A 213 5.14 26.75 15.48
N PRO A 214 3.95 27.37 15.51
CA PRO A 214 3.85 28.58 16.32
C PRO A 214 3.60 28.17 17.78
N LYS A 215 3.38 26.88 18.02
CA LYS A 215 3.07 26.39 19.37
C LYS A 215 4.24 25.97 20.26
N THR A 216 5.38 25.63 19.65
CA THR A 216 6.53 25.23 20.46
C THR A 216 7.12 26.48 21.13
N LEU A 217 7.76 26.30 22.28
CA LEU A 217 8.36 27.41 23.01
C LEU A 217 9.39 28.15 22.16
N ILE A 218 10.19 27.39 21.44
CA ILE A 218 11.22 27.92 20.55
C ILE A 218 10.81 27.55 19.14
N ARG A 219 10.71 28.55 18.25
N ARG A 219 10.73 28.55 18.26
CA ARG A 219 10.30 28.31 16.86
CA ARG A 219 10.35 28.32 16.87
C ARG A 219 11.51 27.86 16.03
C ARG A 219 11.54 27.84 16.06
N LYS A 220 11.42 26.67 15.45
CA LYS A 220 12.50 26.11 14.63
C LYS A 220 11.94 24.96 13.81
N GLY A 221 12.68 24.53 12.79
CA GLY A 221 12.19 23.44 11.98
C GLY A 221 12.45 22.13 12.68
N ARG A 222 11.40 21.37 12.97
CA ARG A 222 11.59 20.09 13.64
C ARG A 222 10.99 19.00 12.77
N GLU A 223 11.62 17.83 12.77
N GLU A 223 11.61 17.83 12.78
CA GLU A 223 11.10 16.74 11.95
CA GLU A 223 11.09 16.75 11.95
C GLU A 223 9.75 16.26 12.49
C GLU A 223 9.75 16.25 12.48
N ARG A 224 8.84 15.95 11.57
CA ARG A 224 7.51 15.45 11.93
C ARG A 224 7.17 14.49 10.80
N HIS A 225 6.43 13.44 11.11
CA HIS A 225 6.01 12.50 10.07
C HIS A 225 4.52 12.74 9.98
N LEU A 226 4.04 13.09 8.79
CA LEU A 226 2.64 13.42 8.58
C LEU A 226 1.87 12.30 7.90
N PHE A 227 0.60 12.18 8.28
CA PHE A 227 -0.30 11.21 7.67
C PHE A 227 -1.51 11.98 7.16
N LEU A 228 -1.68 12.02 5.84
CA LEU A 228 -2.82 12.71 5.27
C LEU A 228 -3.94 11.71 5.02
N PHE A 229 -5.04 11.90 5.72
CA PHE A 229 -6.23 11.04 5.56
C PHE A 229 -7.24 11.89 4.81
N GLU A 230 -8.35 11.27 4.40
CA GLU A 230 -9.36 12.03 3.70
C GLU A 230 -9.98 13.13 4.59
N MET A 231 -10.14 12.83 5.87
CA MET A 231 -10.79 13.74 6.82
C MET A 231 -9.86 14.54 7.69
N SER A 232 -8.60 14.15 7.76
CA SER A 232 -7.68 14.82 8.65
C SER A 232 -6.23 14.71 8.23
N LEU A 233 -5.41 15.58 8.82
CA LEU A 233 -3.97 15.55 8.56
C LEU A 233 -3.38 15.36 9.96
N VAL A 234 -2.68 14.25 10.16
CA VAL A 234 -2.11 13.93 11.46
C VAL A 234 -0.61 14.20 11.52
N PHE A 235 -0.20 14.89 12.58
CA PHE A 235 1.20 15.20 12.81
C PHE A 235 1.73 14.26 13.90
N SER A 236 2.92 13.72 13.68
CA SER A 236 3.55 12.83 14.65
C SER A 236 5.05 13.06 14.61
N LYS A 237 5.75 12.53 15.60
CA LYS A 237 7.19 12.72 15.68
C LYS A 237 7.90 11.36 15.76
N GLU A 238 8.82 11.12 14.86
CA GLU A 238 9.57 9.86 14.87
C GLU A 238 10.61 9.90 16.00
N VAL A 239 10.65 8.82 16.78
CA VAL A 239 11.64 8.70 17.84
C VAL A 239 12.15 7.27 17.78
N LYS A 240 13.36 7.06 18.29
CA LYS A 240 13.94 5.72 18.28
C LYS A 240 14.31 5.29 19.69
N ASP A 241 14.22 3.98 19.93
CA ASP A 241 14.56 3.43 21.23
C ASP A 241 16.05 3.06 21.20
N SER A 242 16.53 2.41 22.26
CA SER A 242 17.93 2.01 22.36
C SER A 242 18.44 1.18 21.19
N SER A 243 17.63 0.22 20.73
CA SER A 243 18.02 -0.65 19.62
C SER A 243 17.82 -0.02 18.26
N GLY A 244 17.32 1.22 18.25
CA GLY A 244 17.11 1.91 16.98
C GLY A 244 15.77 1.66 16.32
N ARG A 245 14.82 1.07 17.05
CA ARG A 245 13.51 0.82 16.48
C ARG A 245 12.71 2.13 16.50
N SER A 246 12.18 2.51 15.33
CA SER A 246 11.39 3.72 15.20
C SER A 246 9.91 3.55 15.50
N LYS A 247 9.32 4.62 16.02
CA LYS A 247 7.88 4.67 16.25
C LYS A 247 7.52 6.13 16.01
N TYR A 248 6.24 6.43 15.80
CA TYR A 248 5.83 7.82 15.59
C TYR A 248 4.91 8.20 16.75
N LEU A 249 5.29 9.23 17.48
CA LEU A 249 4.48 9.70 18.60
C LEU A 249 3.45 10.68 18.09
N TYR A 250 2.18 10.39 18.34
CA TYR A 250 1.11 11.29 17.89
C TYR A 250 1.26 12.67 18.52
N LYS A 251 1.13 13.71 17.71
CA LYS A 251 1.25 15.07 18.21
C LYS A 251 -0.07 15.83 18.11
N SER A 252 -0.59 15.96 16.89
CA SER A 252 -1.82 16.70 16.72
C SER A 252 -2.50 16.36 15.42
N LYS A 253 -3.70 16.92 15.23
N LYS A 253 -3.66 16.95 15.20
CA LYS A 253 -4.49 16.65 14.04
CA LYS A 253 -4.36 16.71 13.95
C LYS A 253 -5.32 17.86 13.56
C LYS A 253 -5.13 17.95 13.55
N LEU A 254 -5.33 18.09 12.24
CA LEU A 254 -6.10 19.21 11.69
C LEU A 254 -7.17 18.58 10.79
N PHE A 255 -8.35 19.20 10.75
CA PHE A 255 -9.41 18.68 9.88
C PHE A 255 -9.16 19.18 8.46
N THR A 256 -9.22 18.28 7.49
CA THR A 256 -8.98 18.69 6.11
C THR A 256 -10.04 19.69 5.60
N SER A 257 -11.26 19.64 6.12
CA SER A 257 -12.27 20.59 5.66
C SER A 257 -11.94 22.04 6.02
N GLU A 258 -11.08 22.22 7.02
CA GLU A 258 -10.70 23.56 7.48
C GLU A 258 -9.34 24.04 6.99
N LEU A 259 -8.67 23.21 6.21
N LEU A 259 -8.64 23.21 6.24
CA LEU A 259 -7.33 23.52 5.75
CA LEU A 259 -7.31 23.58 5.77
C LEU A 259 -7.20 24.55 4.62
C LEU A 259 -7.24 24.62 4.67
N GLY A 260 -6.13 25.35 4.68
CA GLY A 260 -5.85 26.35 3.67
C GLY A 260 -4.38 26.05 3.34
N VAL A 261 -3.98 26.23 2.09
N VAL A 261 -3.97 26.19 2.09
CA VAL A 261 -2.61 25.98 1.68
CA VAL A 261 -2.57 25.91 1.73
C VAL A 261 -2.01 27.14 0.93
C VAL A 261 -1.97 27.02 0.86
N THR A 262 -0.74 27.41 1.19
CA THR A 262 -0.03 28.46 0.47
C THR A 262 1.14 27.75 -0.17
N GLU A 263 1.21 27.79 -1.51
CA GLU A 263 2.26 27.09 -2.21
C GLU A 263 3.65 27.71 -2.15
N HIS A 264 3.73 29.03 -2.29
CA HIS A 264 5.01 29.70 -2.31
C HIS A 264 5.43 30.31 -0.98
N VAL A 265 6.64 29.97 -0.54
CA VAL A 265 7.21 30.53 0.68
C VAL A 265 8.56 31.10 0.26
N GLU A 266 8.76 32.39 0.50
CA GLU A 266 9.98 33.08 0.13
C GLU A 266 11.26 32.41 0.65
N GLY A 267 12.23 32.25 -0.24
CA GLY A 267 13.51 31.69 0.15
C GLY A 267 13.74 30.20 0.06
N ASP A 268 12.71 29.40 -0.16
CA ASP A 268 12.93 27.95 -0.26
C ASP A 268 11.81 27.34 -1.09
N PRO A 269 12.14 26.90 -2.32
CA PRO A 269 11.15 26.29 -3.21
C PRO A 269 10.51 25.03 -2.61
N CYS A 270 11.19 24.40 -1.65
CA CYS A 270 10.65 23.18 -1.04
C CYS A 270 9.68 23.43 0.11
N LYS A 271 9.53 24.68 0.51
CA LYS A 271 8.63 25.04 1.59
C LYS A 271 7.22 25.40 1.12
N PHE A 272 6.23 25.12 1.95
CA PHE A 272 4.85 25.49 1.69
C PHE A 272 4.24 25.72 3.06
N ALA A 273 3.04 26.28 3.12
CA ALA A 273 2.44 26.57 4.42
C ALA A 273 1.00 26.12 4.48
N LEU A 274 0.53 25.87 5.70
CA LEU A 274 -0.86 25.44 5.92
C LEU A 274 -1.42 26.26 7.07
N TRP A 275 -2.73 26.45 7.10
CA TRP A 275 -3.36 27.15 8.22
C TRP A 275 -4.79 26.59 8.30
N VAL A 276 -5.50 26.90 9.36
CA VAL A 276 -6.87 26.40 9.47
C VAL A 276 -7.81 27.55 9.67
N GLY A 277 -9.01 27.39 9.13
CA GLY A 277 -9.99 28.45 9.26
C GLY A 277 -9.86 29.51 8.18
N ARG A 278 -10.71 30.51 8.26
CA ARG A 278 -10.74 31.56 7.25
C ARG A 278 -9.45 32.34 7.09
N THR A 279 -8.90 32.77 8.21
CA THR A 279 -7.74 33.64 8.21
C THR A 279 -6.44 33.10 8.78
N PRO A 280 -5.34 33.25 8.02
CA PRO A 280 -4.05 32.78 8.51
C PRO A 280 -3.56 33.80 9.55
N THR A 281 -2.90 33.32 10.59
CA THR A 281 -2.36 34.22 11.63
C THR A 281 -1.00 33.67 12.04
N SER A 282 -0.23 34.45 12.78
CA SER A 282 1.07 33.94 13.21
C SER A 282 0.86 32.85 14.24
N ASP A 283 -0.37 32.72 14.75
CA ASP A 283 -0.63 31.68 15.74
C ASP A 283 -1.13 30.37 15.13
N ASN A 284 -1.55 30.38 13.87
CA ASN A 284 -2.04 29.14 13.27
C ASN A 284 -1.32 28.69 12.01
N LYS A 285 -0.37 29.49 11.52
CA LYS A 285 0.31 29.14 10.29
C LYS A 285 1.45 28.16 10.53
N ILE A 286 1.44 27.06 9.78
CA ILE A 286 2.47 26.03 9.92
C ILE A 286 3.30 26.06 8.63
N VAL A 287 4.63 26.10 8.74
CA VAL A 287 5.45 26.07 7.54
C VAL A 287 6.13 24.71 7.50
N LEU A 288 6.12 24.08 6.32
CA LEU A 288 6.71 22.76 6.13
C LEU A 288 7.73 22.78 5.01
N LYS A 289 8.82 22.05 5.20
CA LYS A 289 9.87 21.96 4.19
C LYS A 289 9.90 20.50 3.74
N ALA A 290 9.59 20.27 2.47
CA ALA A 290 9.61 18.93 1.89
C ALA A 290 11.05 18.58 1.50
N SER A 291 11.32 17.28 1.34
CA SER A 291 12.65 16.81 0.96
C SER A 291 13.01 17.14 -0.49
N SER A 292 12.00 17.43 -1.30
CA SER A 292 12.21 17.76 -2.72
C SER A 292 11.02 18.54 -3.26
N ILE A 293 11.23 19.23 -4.37
CA ILE A 293 10.15 19.98 -4.99
C ILE A 293 9.06 19.03 -5.45
N GLU A 294 9.46 17.83 -5.87
CA GLU A 294 8.50 16.83 -6.34
C GLU A 294 7.60 16.37 -5.20
N ASN A 295 8.20 16.15 -4.03
N ASN A 295 8.20 16.16 -4.03
CA ASN A 295 7.44 15.73 -2.86
CA ASN A 295 7.46 15.72 -2.85
C ASN A 295 6.48 16.85 -2.47
C ASN A 295 6.48 16.84 -2.46
N LYS A 296 6.96 18.08 -2.47
CA LYS A 296 6.10 19.22 -2.13
C LYS A 296 4.91 19.29 -3.11
N GLN A 297 5.19 19.13 -4.40
CA GLN A 297 4.10 19.22 -5.38
C GLN A 297 3.09 18.10 -5.21
N ASP A 298 3.57 16.90 -4.85
CA ASP A 298 2.64 15.79 -4.66
C ASP A 298 1.73 16.07 -3.45
N TRP A 299 2.31 16.59 -2.37
CA TRP A 299 1.48 16.90 -1.21
C TRP A 299 0.50 18.03 -1.47
N ILE A 300 0.96 19.08 -2.15
CA ILE A 300 0.09 20.20 -2.47
C ILE A 300 -1.10 19.71 -3.30
N LYS A 301 -0.81 18.84 -4.27
CA LYS A 301 -1.88 18.31 -5.13
C LYS A 301 -2.92 17.54 -4.32
N HIS A 302 -2.45 16.63 -3.47
CA HIS A 302 -3.39 15.83 -2.67
C HIS A 302 -4.11 16.62 -1.59
N ILE A 303 -3.43 17.61 -1.00
CA ILE A 303 -4.08 18.43 -0.01
C ILE A 303 -5.18 19.28 -0.67
N ARG A 304 -4.88 19.86 -1.84
CA ARG A 304 -5.89 20.65 -2.55
C ARG A 304 -7.11 19.78 -2.87
N GLU A 305 -6.85 18.53 -3.22
CA GLU A 305 -7.91 17.59 -3.54
C GLU A 305 -8.80 17.29 -2.34
N VAL A 306 -8.24 17.05 -1.15
CA VAL A 306 -9.11 16.78 0.00
C VAL A 306 -9.86 18.04 0.42
N ILE A 307 -9.22 19.21 0.27
CA ILE A 307 -9.90 20.46 0.62
C ILE A 307 -11.11 20.64 -0.32
N GLN A 308 -10.92 20.36 -1.60
CA GLN A 308 -11.99 20.51 -2.60
C GLN A 308 -13.12 19.52 -2.31
N GLU A 309 -12.76 18.29 -1.96
CA GLU A 309 -13.77 17.27 -1.68
C GLU A 309 -14.63 17.62 -0.47
N ARG A 310 -14.01 18.18 0.57
CA ARG A 310 -14.70 18.51 1.82
C ARG A 310 -15.36 19.88 1.88
N THR A 311 -15.36 20.63 0.78
CA THR A 311 -15.98 21.95 0.79
C THR A 311 -16.97 22.17 -0.37
#